data_2Q6H
#
_entry.id   2Q6H
#
_cell.length_a   88.080
_cell.length_b   86.360
_cell.length_c   80.770
_cell.angle_alpha   90.00
_cell.angle_beta   95.71
_cell.angle_gamma   90.00
#
_symmetry.space_group_name_H-M   'C 1 2 1'
#
loop_
_entity.id
_entity.type
_entity.pdbx_description
1 polymer Transporter
2 non-polymer 'octyl beta-D-glucopyranoside'
3 non-polymer 'SODIUM ION'
4 non-polymer LEUCINE
5 non-polymer 3-(3-CHLORO-5H-DIBENZO[B,F]AZEPIN-5-YL)-N,N-DIMETHYLPROPAN-1-AMINE
6 water water
#
_entity_poly.entity_id   1
_entity_poly.type   'polypeptide(L)'
_entity_poly.pdbx_seq_one_letter_code
;MEVKREHWATRLGLILAMAGNAVGLGNFLRFPVQAAENGGGAFMIPYIIAFLLVGIPLMWIEWAMGRYGGAQGHGTTPAI
FYLLWRNRFAKILGVFGLWIPLVVAIYYVYIESWTLGFAIKFLVGLVPEPPPNATDPDSILRPFKEFLYSYIGVPKGDEP
ILKPSLFAYIVFLITMFINVSILIRGISKGIERFAKIAMPTLFILAVFLVIRVFLLETPNGTAADGLNFLWTPDFEKLKD
PGVWIAAVGQIFFTLSLGFGAIITYASYVRKDQDIVLSGLTAATLNEKAEVILGGSISIPAAVAFFGVANAVAIAKAGAF
NLGFITLPAIFSQTAGGTFLGFLWFFLLFFAGLTSSIAIMQPMIAFLEDELKLSRKHAVLWTAAIVFFSAHLVMFLNKSL
DEMDFWAGTIGVVFFGLTELIIFFWIFGADKAWEEINRGGIIKVPRIYYYVMRYITPAFLAVLLVVWAREYIPKIMEETH
WTVWITRFYIIGLFLFLTFLVFLAERRRNHESAGTLVPR
;
_entity_poly.pdbx_strand_id   A
#
# COMPACT_ATOMS: atom_id res chain seq x y z
N VAL A 3 17.24 24.56 -7.17
CA VAL A 3 16.74 24.06 -8.48
C VAL A 3 15.39 24.71 -8.62
N LYS A 4 14.49 24.01 -9.31
CA LYS A 4 13.09 24.39 -9.32
C LYS A 4 12.82 22.97 -8.82
N ARG A 5 12.39 22.03 -9.61
CA ARG A 5 12.17 20.73 -9.02
C ARG A 5 12.93 19.60 -9.66
N GLU A 6 13.08 18.50 -8.93
CA GLU A 6 13.72 17.33 -9.50
C GLU A 6 12.63 16.85 -10.44
N HIS A 7 13.00 16.09 -11.46
CA HIS A 7 12.02 15.57 -12.41
C HIS A 7 12.43 14.16 -12.80
N TRP A 8 11.44 13.34 -13.13
CA TRP A 8 11.74 11.98 -13.57
C TRP A 8 12.53 12.14 -14.87
N ALA A 9 13.63 11.41 -14.99
CA ALA A 9 14.49 11.48 -16.18
C ALA A 9 13.85 10.93 -17.44
N THR A 10 13.29 9.73 -17.35
CA THR A 10 12.68 9.09 -18.51
C THR A 10 11.22 8.72 -18.28
N ARG A 11 10.49 8.47 -19.35
CA ARG A 11 9.09 8.10 -19.21
C ARG A 11 8.99 6.67 -18.67
N LEU A 12 9.92 5.81 -19.08
CA LEU A 12 9.95 4.44 -18.59
C LEU A 12 10.26 4.42 -17.10
N GLY A 13 11.23 5.24 -16.68
CA GLY A 13 11.57 5.31 -15.27
C GLY A 13 10.38 5.79 -14.47
N LEU A 14 9.66 6.77 -15.02
CA LEU A 14 8.48 7.31 -14.36
C LEU A 14 7.42 6.23 -14.21
N ILE A 15 7.19 5.47 -15.27
CA ILE A 15 6.19 4.41 -15.25
C ILE A 15 6.55 3.28 -14.28
N LEU A 16 7.81 2.87 -14.26
CA LEU A 16 8.22 1.80 -13.37
C LEU A 16 8.27 2.27 -11.91
N ALA A 17 8.57 3.55 -11.69
CA ALA A 17 8.61 4.06 -10.32
C ALA A 17 7.18 4.10 -9.79
N MET A 18 6.24 4.54 -10.63
CA MET A 18 4.83 4.60 -10.24
C MET A 18 4.27 3.20 -10.09
N ALA A 19 4.70 2.30 -10.97
CA ALA A 19 4.25 0.92 -10.91
C ALA A 19 4.77 0.26 -9.63
N GLY A 20 5.99 0.63 -9.21
CA GLY A 20 6.59 0.07 -7.99
C GLY A 20 5.93 0.67 -6.75
N ASN A 21 5.47 1.89 -6.89
CA ASN A 21 4.76 2.61 -5.82
C ASN A 21 3.54 1.73 -5.52
N ALA A 22 2.80 1.40 -6.58
CA ALA A 22 1.59 0.59 -6.47
C ALA A 22 1.80 -0.90 -6.19
N VAL A 23 2.63 -1.56 -7.00
CA VAL A 23 2.87 -2.99 -6.83
C VAL A 23 3.69 -3.30 -5.60
N GLY A 24 3.04 -3.84 -4.57
CA GLY A 24 3.73 -4.17 -3.34
C GLY A 24 3.11 -5.31 -2.57
N LEU A 25 3.25 -5.26 -1.25
CA LEU A 25 2.71 -6.28 -0.36
C LEU A 25 1.20 -6.43 -0.57
N GLY A 26 0.55 -5.37 -1.04
CA GLY A 26 -0.89 -5.42 -1.25
C GLY A 26 -1.29 -6.41 -2.33
N ASN A 27 -0.45 -6.54 -3.35
CA ASN A 27 -0.72 -7.44 -4.46
C ASN A 27 -0.53 -8.91 -4.11
N PHE A 28 0.53 -9.19 -3.37
CA PHE A 28 0.87 -10.56 -3.02
C PHE A 28 0.39 -11.10 -1.68
N LEU A 29 0.10 -10.21 -0.73
CA LEU A 29 -0.37 -10.62 0.58
C LEU A 29 -1.82 -10.23 0.87
N ARG A 30 -2.13 -8.94 0.70
CA ARG A 30 -3.48 -8.44 0.99
C ARG A 30 -4.57 -8.94 0.04
N PHE A 31 -4.34 -8.84 -1.28
CA PHE A 31 -5.33 -9.28 -2.26
C PHE A 31 -5.79 -10.73 -2.07
N PRO A 32 -4.85 -11.68 -1.95
CA PRO A 32 -5.23 -13.08 -1.77
C PRO A 32 -6.13 -13.31 -0.55
N VAL A 33 -5.82 -12.66 0.56
CA VAL A 33 -6.62 -12.82 1.77
C VAL A 33 -8.01 -12.23 1.55
N GLN A 34 -8.07 -11.00 1.06
CA GLN A 34 -9.33 -10.31 0.80
C GLN A 34 -10.23 -11.11 -0.15
N ALA A 35 -9.65 -11.59 -1.24
CA ALA A 35 -10.40 -12.36 -2.22
C ALA A 35 -10.91 -13.69 -1.65
N ALA A 36 -9.99 -14.49 -1.09
CA ALA A 36 -10.36 -15.78 -0.53
C ALA A 36 -11.37 -15.62 0.60
N GLU A 37 -11.16 -14.58 1.40
CA GLU A 37 -12.01 -14.26 2.53
C GLU A 37 -13.42 -13.85 2.12
N ASN A 38 -13.56 -13.34 0.89
CA ASN A 38 -14.86 -12.89 0.40
C ASN A 38 -15.45 -13.72 -0.73
N GLY A 39 -15.21 -15.04 -0.69
CA GLY A 39 -15.77 -15.92 -1.70
C GLY A 39 -15.05 -15.98 -3.04
N GLY A 40 -13.80 -15.54 -3.06
CA GLY A 40 -13.04 -15.56 -4.30
C GLY A 40 -13.70 -14.86 -5.46
N GLY A 41 -14.29 -15.63 -6.37
CA GLY A 41 -14.97 -15.07 -7.52
C GLY A 41 -16.02 -14.03 -7.20
N ALA A 42 -16.65 -14.17 -6.03
CA ALA A 42 -17.69 -13.23 -5.60
C ALA A 42 -17.08 -11.87 -5.25
N PHE A 43 -15.79 -11.85 -4.96
CA PHE A 43 -15.08 -10.64 -4.61
C PHE A 43 -14.68 -9.87 -5.86
N MET A 44 -14.36 -10.62 -6.92
CA MET A 44 -13.91 -10.03 -8.17
C MET A 44 -14.84 -9.08 -8.91
N ILE A 45 -16.14 -9.35 -8.92
CA ILE A 45 -17.05 -8.45 -9.62
C ILE A 45 -16.99 -7.05 -8.99
N PRO A 46 -17.24 -6.95 -7.69
CA PRO A 46 -17.19 -5.64 -7.03
C PRO A 46 -15.79 -5.02 -7.21
N TYR A 47 -14.78 -5.88 -7.18
CA TYR A 47 -13.39 -5.44 -7.34
C TYR A 47 -13.19 -4.78 -8.70
N ILE A 48 -13.61 -5.47 -9.76
CA ILE A 48 -13.47 -4.94 -11.11
C ILE A 48 -14.25 -3.65 -11.27
N ILE A 49 -15.44 -3.61 -10.69
CA ILE A 49 -16.28 -2.41 -10.77
C ILE A 49 -15.63 -1.26 -10.01
N ALA A 50 -15.05 -1.57 -8.85
CA ALA A 50 -14.38 -0.55 -8.04
C ALA A 50 -13.19 0.01 -8.81
N PHE A 51 -12.48 -0.86 -9.52
CA PHE A 51 -11.33 -0.40 -10.30
C PHE A 51 -11.77 0.59 -11.39
N LEU A 52 -12.88 0.28 -12.06
CA LEU A 52 -13.39 1.14 -13.12
C LEU A 52 -14.04 2.44 -12.63
N LEU A 53 -14.81 2.35 -11.55
CA LEU A 53 -15.50 3.53 -11.01
C LEU A 53 -14.75 4.33 -9.97
N VAL A 54 -13.73 3.74 -9.35
CA VAL A 54 -12.97 4.44 -8.33
C VAL A 54 -11.47 4.48 -8.61
N GLY A 55 -10.87 3.32 -8.80
CA GLY A 55 -9.43 3.22 -9.04
C GLY A 55 -8.89 4.08 -10.17
N ILE A 56 -9.38 3.84 -11.38
CA ILE A 56 -8.93 4.58 -12.55
C ILE A 56 -9.19 6.08 -12.43
N PRO A 57 -10.42 6.50 -12.10
CA PRO A 57 -10.66 7.95 -12.00
C PRO A 57 -9.81 8.67 -10.95
N LEU A 58 -9.66 8.09 -9.76
CA LEU A 58 -8.83 8.71 -8.73
C LEU A 58 -7.35 8.76 -9.11
N MET A 59 -6.88 7.75 -9.83
CA MET A 59 -5.49 7.71 -10.24
C MET A 59 -5.20 8.93 -11.11
N TRP A 60 -6.06 9.18 -12.11
CA TRP A 60 -5.86 10.34 -12.97
C TRP A 60 -5.92 11.62 -12.16
N ILE A 61 -6.89 11.70 -11.26
CA ILE A 61 -7.03 12.89 -10.41
C ILE A 61 -5.79 13.17 -9.57
N GLU A 62 -5.22 12.13 -8.96
CA GLU A 62 -4.03 12.34 -8.15
C GLU A 62 -2.82 12.70 -8.98
N TRP A 63 -2.67 12.10 -10.17
CA TRP A 63 -1.55 12.44 -11.03
C TRP A 63 -1.67 13.91 -11.44
N ALA A 64 -2.89 14.34 -11.75
CA ALA A 64 -3.13 15.72 -12.15
C ALA A 64 -2.83 16.69 -11.01
N MET A 65 -3.33 16.39 -9.82
CA MET A 65 -3.08 17.26 -8.66
C MET A 65 -1.59 17.39 -8.38
N GLY A 66 -0.88 16.27 -8.48
CA GLY A 66 0.55 16.28 -8.22
C GLY A 66 1.32 17.08 -9.25
N ARG A 67 1.06 16.83 -10.53
CA ARG A 67 1.74 17.56 -11.59
C ARG A 67 1.43 19.05 -11.46
N TYR A 68 0.16 19.35 -11.20
CA TYR A 68 -0.28 20.74 -11.04
C TYR A 68 0.50 21.39 -9.89
N GLY A 69 0.58 20.69 -8.76
CA GLY A 69 1.31 21.22 -7.63
C GLY A 69 2.80 21.35 -7.88
N GLY A 70 3.37 20.33 -8.52
CA GLY A 70 4.80 20.35 -8.80
C GLY A 70 5.24 21.55 -9.62
N ALA A 71 4.41 21.93 -10.59
CA ALA A 71 4.70 23.07 -11.45
C ALA A 71 4.92 24.34 -10.63
N GLN A 72 4.34 24.39 -9.44
CA GLN A 72 4.47 25.55 -8.57
C GLN A 72 5.40 25.30 -7.39
N GLY A 73 6.12 24.17 -7.43
CA GLY A 73 7.05 23.84 -6.36
C GLY A 73 6.45 23.17 -5.13
N HIS A 74 5.31 22.52 -5.28
CA HIS A 74 4.65 21.85 -4.16
C HIS A 74 4.24 20.43 -4.49
N GLY A 75 4.75 19.47 -3.73
CA GLY A 75 4.42 18.07 -3.98
C GLY A 75 3.51 17.37 -2.98
N THR A 76 3.13 18.05 -1.89
CA THR A 76 2.25 17.43 -0.91
C THR A 76 0.94 18.21 -0.74
N THR A 77 -0.08 17.50 -0.27
CA THR A 77 -1.41 18.07 -0.12
C THR A 77 -1.66 19.31 0.76
N PRO A 78 -0.87 19.52 1.83
CA PRO A 78 -1.17 20.73 2.60
C PRO A 78 -1.15 21.97 1.72
N ALA A 79 -0.13 22.05 0.87
CA ALA A 79 0.02 23.18 -0.05
C ALA A 79 -0.82 23.03 -1.32
N ILE A 80 -0.86 21.82 -1.88
CA ILE A 80 -1.62 21.60 -3.11
C ILE A 80 -3.12 21.83 -2.91
N PHE A 81 -3.65 21.38 -1.79
CA PHE A 81 -5.07 21.58 -1.51
C PHE A 81 -5.35 23.08 -1.44
N TYR A 82 -4.41 23.81 -0.85
CA TYR A 82 -4.54 25.25 -0.71
C TYR A 82 -4.49 25.93 -2.07
N LEU A 83 -3.67 25.39 -2.97
CA LEU A 83 -3.55 25.95 -4.31
C LEU A 83 -4.86 25.77 -5.05
N LEU A 84 -5.57 24.69 -4.75
CA LEU A 84 -6.85 24.38 -5.38
C LEU A 84 -8.02 25.06 -4.69
N TRP A 85 -7.84 25.38 -3.42
CA TRP A 85 -8.88 26.02 -2.62
C TRP A 85 -8.20 26.83 -1.53
N ARG A 86 -8.03 28.12 -1.76
CA ARG A 86 -7.36 29.00 -0.81
C ARG A 86 -8.19 29.29 0.44
N ASN A 87 -8.28 28.29 1.29
CA ASN A 87 -9.00 28.38 2.54
C ASN A 87 -8.11 27.64 3.52
N ARG A 88 -7.90 28.23 4.70
CA ARG A 88 -7.04 27.62 5.70
C ARG A 88 -7.45 26.18 5.98
N PHE A 89 -8.75 25.90 5.89
CA PHE A 89 -9.25 24.55 6.13
C PHE A 89 -8.66 23.57 5.10
N ALA A 90 -8.27 24.08 3.94
CA ALA A 90 -7.67 23.24 2.90
C ALA A 90 -6.33 22.70 3.37
N LYS A 91 -5.57 23.55 4.07
CA LYS A 91 -4.27 23.16 4.59
C LYS A 91 -4.40 22.08 5.65
N ILE A 92 -5.41 22.21 6.51
CA ILE A 92 -5.62 21.23 7.57
C ILE A 92 -6.06 19.88 6.99
N LEU A 93 -6.99 19.90 6.04
CA LEU A 93 -7.42 18.66 5.41
C LEU A 93 -6.23 18.04 4.70
N GLY A 94 -5.38 18.91 4.18
CA GLY A 94 -4.18 18.46 3.47
C GLY A 94 -3.21 17.70 4.35
N VAL A 95 -3.26 17.94 5.66
CA VAL A 95 -2.37 17.24 6.59
C VAL A 95 -2.53 15.72 6.48
N PHE A 96 -3.73 15.27 6.13
CA PHE A 96 -3.96 13.83 5.99
C PHE A 96 -3.07 13.24 4.90
N GLY A 97 -2.65 14.09 3.96
CA GLY A 97 -1.79 13.65 2.87
C GLY A 97 -0.36 13.41 3.31
N LEU A 98 -0.07 13.75 4.57
CA LEU A 98 1.24 13.54 5.16
C LEU A 98 1.07 12.49 6.26
N TRP A 99 -0.03 12.62 7.01
CA TRP A 99 -0.32 11.70 8.10
C TRP A 99 -0.57 10.26 7.64
N ILE A 100 -1.45 10.08 6.66
CA ILE A 100 -1.75 8.74 6.18
C ILE A 100 -0.49 7.98 5.71
N PRO A 101 0.30 8.57 4.80
CA PRO A 101 1.49 7.85 4.36
C PRO A 101 2.50 7.58 5.46
N LEU A 102 2.64 8.51 6.40
CA LEU A 102 3.56 8.36 7.52
C LEU A 102 3.11 7.22 8.42
N VAL A 103 1.84 7.23 8.80
CA VAL A 103 1.30 6.19 9.67
C VAL A 103 1.42 4.82 8.99
N VAL A 104 1.10 4.77 7.69
CA VAL A 104 1.18 3.50 6.98
C VAL A 104 2.63 3.03 6.91
N ALA A 105 3.56 3.96 6.71
CA ALA A 105 4.97 3.61 6.65
C ALA A 105 5.45 3.01 7.96
N ILE A 106 4.91 3.53 9.07
CA ILE A 106 5.29 3.07 10.41
C ILE A 106 5.04 1.58 10.65
N TYR A 107 4.09 0.97 9.94
CA TYR A 107 3.88 -0.46 10.11
C TYR A 107 4.25 -1.21 8.85
N TYR A 108 4.11 -0.55 7.70
CA TYR A 108 4.41 -1.20 6.42
C TYR A 108 5.90 -1.55 6.29
N VAL A 109 6.78 -0.66 6.72
CA VAL A 109 8.21 -0.95 6.64
C VAL A 109 8.57 -2.11 7.56
N TYR A 110 7.87 -2.22 8.69
CA TYR A 110 8.16 -3.31 9.61
C TYR A 110 7.76 -4.64 8.97
N ILE A 111 6.58 -4.70 8.34
CA ILE A 111 6.16 -5.93 7.70
C ILE A 111 7.16 -6.25 6.57
N GLU A 112 7.61 -5.20 5.88
CA GLU A 112 8.58 -5.34 4.80
C GLU A 112 9.87 -5.97 5.34
N SER A 113 10.27 -5.55 6.54
CA SER A 113 11.49 -6.08 7.14
C SER A 113 11.34 -7.57 7.46
N TRP A 114 10.12 -8.02 7.76
CA TRP A 114 9.92 -9.44 8.03
C TRP A 114 10.27 -10.25 6.77
N THR A 115 9.88 -9.75 5.60
CA THR A 115 10.15 -10.46 4.35
C THR A 115 11.65 -10.54 4.07
N LEU A 116 12.39 -9.54 4.49
CA LEU A 116 13.85 -9.57 4.31
C LEU A 116 14.44 -10.57 5.29
N GLY A 117 13.96 -10.55 6.53
CA GLY A 117 14.45 -11.47 7.54
C GLY A 117 14.16 -12.91 7.16
N PHE A 118 12.95 -13.15 6.67
CA PHE A 118 12.57 -14.49 6.22
C PHE A 118 13.40 -14.89 5.01
N ALA A 119 13.60 -13.94 4.09
CA ALA A 119 14.37 -14.22 2.88
C ALA A 119 15.75 -14.70 3.31
N ILE A 120 16.38 -13.96 4.21
CA ILE A 120 17.70 -14.30 4.72
C ILE A 120 17.71 -15.70 5.32
N LYS A 121 16.80 -15.96 6.26
CA LYS A 121 16.77 -17.26 6.92
C LYS A 121 16.46 -18.41 5.97
N PHE A 122 15.57 -18.19 5.00
CA PHE A 122 15.26 -19.26 4.06
C PHE A 122 16.44 -19.50 3.11
N LEU A 123 17.14 -18.42 2.74
CA LEU A 123 18.28 -18.56 1.85
C LEU A 123 19.37 -19.41 2.49
N VAL A 124 19.66 -19.16 3.77
CA VAL A 124 20.70 -19.91 4.45
C VAL A 124 20.20 -21.20 5.09
N GLY A 125 18.93 -21.52 4.86
CA GLY A 125 18.38 -22.76 5.40
C GLY A 125 18.09 -22.82 6.89
N LEU A 126 18.03 -21.69 7.56
CA LEU A 126 17.75 -21.67 8.99
C LEU A 126 16.23 -21.63 9.13
N VAL A 127 15.58 -22.66 8.62
CA VAL A 127 14.12 -22.74 8.65
C VAL A 127 13.62 -23.96 9.41
N PRO A 128 12.34 -23.94 9.80
CA PRO A 128 11.77 -25.07 10.53
C PRO A 128 11.77 -26.33 9.67
N GLU A 129 11.88 -27.47 10.32
CA GLU A 129 11.90 -28.72 9.59
C GLU A 129 10.61 -29.47 9.86
N PRO A 130 9.69 -29.48 8.89
CA PRO A 130 8.49 -30.22 9.26
C PRO A 130 8.80 -31.70 9.14
N PRO A 131 7.90 -32.53 9.65
CA PRO A 131 8.13 -33.96 9.58
C PRO A 131 7.34 -34.60 8.48
N PRO A 132 7.35 -35.93 8.39
CA PRO A 132 6.72 -36.93 7.53
C PRO A 132 5.61 -37.68 8.28
N THR A 135 1.85 -36.01 6.80
CA THR A 135 1.26 -35.24 5.71
C THR A 135 0.06 -34.74 6.39
N ASP A 136 0.07 -34.73 7.73
CA ASP A 136 -0.97 -34.31 8.71
C ASP A 136 -0.83 -32.87 8.42
N PRO A 137 -1.91 -32.08 8.47
CA PRO A 137 -1.74 -30.66 8.16
C PRO A 137 -1.05 -29.86 9.21
N ASP A 138 -1.49 -30.02 10.46
CA ASP A 138 -0.92 -29.28 11.56
C ASP A 138 0.53 -29.59 11.92
N SER A 139 0.94 -30.85 11.82
CA SER A 139 2.33 -31.19 12.13
C SER A 139 3.20 -30.51 11.07
N ILE A 140 2.55 -30.08 10.01
CA ILE A 140 3.20 -29.42 8.90
C ILE A 140 3.16 -27.89 8.97
N LEU A 141 2.04 -27.33 9.39
CA LEU A 141 1.91 -25.88 9.51
C LEU A 141 2.45 -25.34 10.83
N ARG A 142 2.31 -26.13 11.89
CA ARG A 142 2.74 -25.72 13.21
C ARG A 142 4.18 -25.21 13.29
N PRO A 143 5.15 -25.96 12.74
CA PRO A 143 6.54 -25.47 12.82
C PRO A 143 6.70 -24.10 12.19
N PHE A 144 5.94 -23.85 11.12
CA PHE A 144 6.01 -22.56 10.43
C PHE A 144 5.28 -21.46 11.19
N LYS A 145 4.23 -21.83 11.90
CA LYS A 145 3.52 -20.84 12.71
C LYS A 145 4.42 -20.42 13.86
N GLU A 146 5.09 -21.39 14.48
CA GLU A 146 5.99 -21.10 15.59
C GLU A 146 7.16 -20.24 15.10
N PHE A 147 7.59 -20.50 13.87
CA PHE A 147 8.69 -19.76 13.26
C PHE A 147 8.31 -18.27 13.16
N LEU A 148 7.12 -18.00 12.62
CA LEU A 148 6.67 -16.61 12.50
C LEU A 148 6.46 -15.98 13.87
N TYR A 149 5.78 -16.73 14.75
CA TYR A 149 5.47 -16.25 16.10
C TYR A 149 6.71 -15.90 16.92
N SER A 150 7.79 -16.65 16.74
CA SER A 150 9.02 -16.38 17.48
C SER A 150 9.76 -15.20 16.87
N TYR A 151 9.60 -15.02 15.56
CA TYR A 151 10.26 -13.92 14.85
C TYR A 151 9.70 -12.58 15.32
N ILE A 152 8.38 -12.44 15.28
CA ILE A 152 7.76 -11.19 15.69
C ILE A 152 7.46 -11.11 17.18
N GLY A 153 7.54 -12.25 17.85
CA GLY A 153 7.28 -12.28 19.29
C GLY A 153 5.83 -12.23 19.72
N VAL A 154 4.98 -13.04 19.11
CA VAL A 154 3.57 -13.09 19.47
C VAL A 154 3.39 -13.43 20.95
N PRO A 155 2.44 -12.78 21.64
CA PRO A 155 2.16 -13.01 23.06
C PRO A 155 1.87 -14.47 23.38
N LYS A 156 2.57 -15.00 24.38
CA LYS A 156 2.35 -16.38 24.81
C LYS A 156 1.48 -16.38 26.06
N GLY A 157 1.31 -15.20 26.66
CA GLY A 157 0.51 -15.08 27.86
C GLY A 157 -0.71 -14.21 27.67
N ASP A 158 -1.06 -13.44 28.70
CA ASP A 158 -2.22 -12.55 28.64
C ASP A 158 -1.84 -11.11 28.33
N GLU A 159 -0.61 -10.73 28.63
CA GLU A 159 -0.16 -9.37 28.36
C GLU A 159 -0.15 -9.12 26.84
N PRO A 160 -0.74 -8.00 26.40
CA PRO A 160 -0.82 -7.62 24.98
C PRO A 160 0.49 -7.06 24.45
N ILE A 161 1.59 -7.71 24.81
CA ILE A 161 2.92 -7.28 24.42
C ILE A 161 3.59 -8.23 23.44
N LEU A 162 4.37 -7.67 22.52
CA LEU A 162 5.10 -8.44 21.54
C LEU A 162 6.57 -8.41 21.94
N LYS A 163 7.29 -9.47 21.59
CA LYS A 163 8.72 -9.60 21.91
C LYS A 163 9.49 -9.95 20.63
N PRO A 164 9.73 -8.97 19.76
CA PRO A 164 10.47 -9.25 18.51
C PRO A 164 11.81 -9.90 18.81
N SER A 165 12.20 -10.88 18.01
CA SER A 165 13.49 -11.52 18.21
C SER A 165 14.56 -10.47 17.90
N LEU A 166 15.76 -10.68 18.40
CA LEU A 166 16.85 -9.74 18.14
C LEU A 166 17.13 -9.64 16.65
N PHE A 167 17.06 -10.78 15.95
CA PHE A 167 17.29 -10.80 14.51
C PHE A 167 16.26 -9.91 13.79
N ALA A 168 15.00 -10.04 14.17
CA ALA A 168 13.93 -9.24 13.57
C ALA A 168 14.20 -7.74 13.76
N TYR A 169 14.64 -7.37 14.95
CA TYR A 169 14.92 -5.98 15.26
C TYR A 169 16.07 -5.45 14.40
N ILE A 170 17.15 -6.20 14.34
CA ILE A 170 18.30 -5.79 13.54
C ILE A 170 17.93 -5.72 12.05
N VAL A 171 17.11 -6.65 11.58
CA VAL A 171 16.69 -6.65 10.18
C VAL A 171 15.83 -5.42 9.88
N PHE A 172 15.05 -4.97 10.86
CA PHE A 172 14.22 -3.78 10.65
C PHE A 172 15.17 -2.59 10.47
N LEU A 173 16.22 -2.56 11.27
CA LEU A 173 17.22 -1.50 11.18
C LEU A 173 17.86 -1.50 9.79
N ILE A 174 18.21 -2.68 9.30
CA ILE A 174 18.81 -2.81 7.98
C ILE A 174 17.81 -2.35 6.93
N THR A 175 16.56 -2.75 7.09
CA THR A 175 15.52 -2.37 6.14
C THR A 175 15.38 -0.86 6.08
N MET A 176 15.40 -0.19 7.23
CA MET A 176 15.30 1.26 7.27
C MET A 176 16.50 1.86 6.53
N PHE A 177 17.67 1.29 6.76
CA PHE A 177 18.88 1.76 6.09
C PHE A 177 18.78 1.62 4.57
N ILE A 178 18.18 0.52 4.11
CA ILE A 178 18.05 0.30 2.68
C ILE A 178 17.07 1.31 2.06
N ASN A 179 15.97 1.58 2.75
CA ASN A 179 15.00 2.55 2.25
C ASN A 179 15.71 3.91 2.17
N VAL A 180 16.48 4.24 3.19
CA VAL A 180 17.20 5.51 3.21
C VAL A 180 18.23 5.62 2.09
N SER A 181 18.97 4.54 1.84
CA SER A 181 19.99 4.54 0.80
C SER A 181 19.42 4.88 -0.58
N ILE A 182 18.16 4.54 -0.80
CA ILE A 182 17.50 4.85 -2.09
C ILE A 182 16.97 6.28 -2.07
N LEU A 183 16.20 6.61 -1.03
CA LEU A 183 15.61 7.94 -0.92
C LEU A 183 16.62 9.09 -0.86
N ILE A 184 17.73 8.86 -0.19
CA ILE A 184 18.73 9.91 -0.04
C ILE A 184 19.37 10.29 -1.38
N ARG A 185 19.18 9.45 -2.40
CA ARG A 185 19.72 9.75 -3.72
C ARG A 185 18.72 10.52 -4.58
N GLY A 186 17.53 10.75 -4.03
CA GLY A 186 16.53 11.50 -4.75
C GLY A 186 15.65 10.75 -5.74
N ILE A 187 14.92 11.53 -6.52
CA ILE A 187 13.98 11.01 -7.50
C ILE A 187 14.60 10.27 -8.68
N SER A 188 15.36 10.96 -9.52
CA SER A 188 15.96 10.32 -10.70
C SER A 188 17.07 9.33 -10.42
N LYS A 189 18.03 9.71 -9.57
CA LYS A 189 19.15 8.83 -9.25
C LYS A 189 18.85 7.83 -8.14
N GLY A 190 17.73 8.01 -7.46
CA GLY A 190 17.37 7.12 -6.37
C GLY A 190 16.19 6.22 -6.69
N ILE A 191 14.99 6.78 -6.54
CA ILE A 191 13.75 6.04 -6.77
C ILE A 191 13.60 5.48 -8.19
N GLU A 192 13.82 6.34 -9.19
CA GLU A 192 13.69 5.93 -10.58
C GLU A 192 14.73 4.88 -10.96
N ARG A 193 15.97 5.14 -10.59
CA ARG A 193 17.06 4.21 -10.88
C ARG A 193 16.76 2.85 -10.26
N PHE A 194 16.34 2.84 -9.00
CA PHE A 194 16.03 1.59 -8.33
C PHE A 194 14.86 0.86 -8.98
N ALA A 195 13.82 1.61 -9.36
CA ALA A 195 12.64 1.01 -9.99
C ALA A 195 12.99 0.27 -11.28
N LYS A 196 13.96 0.77 -12.02
CA LYS A 196 14.36 0.14 -13.28
C LYS A 196 15.05 -1.18 -13.03
N ILE A 197 15.51 -1.39 -11.81
CA ILE A 197 16.19 -2.63 -11.45
C ILE A 197 15.22 -3.58 -10.74
N ALA A 198 14.47 -3.02 -9.79
CA ALA A 198 13.52 -3.79 -9.00
C ALA A 198 12.28 -4.35 -9.70
N MET A 199 11.64 -3.55 -10.54
CA MET A 199 10.43 -4.02 -11.22
C MET A 199 10.66 -5.21 -12.15
N PRO A 200 11.75 -5.19 -12.94
CA PRO A 200 12.01 -6.33 -13.83
C PRO A 200 12.28 -7.58 -13.00
N THR A 201 13.06 -7.42 -11.93
CA THR A 201 13.39 -8.52 -11.04
C THR A 201 12.11 -9.06 -10.43
N LEU A 202 11.27 -8.14 -9.96
CA LEU A 202 10.00 -8.48 -9.34
C LEU A 202 9.11 -9.29 -10.29
N PHE A 203 8.99 -8.83 -11.53
CA PHE A 203 8.17 -9.51 -12.53
C PHE A 203 8.67 -10.93 -12.82
N ILE A 204 9.99 -11.06 -13.00
CA ILE A 204 10.58 -12.37 -13.28
C ILE A 204 10.40 -13.35 -12.12
N LEU A 205 10.63 -12.88 -10.90
CA LEU A 205 10.46 -13.72 -9.72
C LEU A 205 9.02 -14.20 -9.59
N ALA A 206 8.08 -13.28 -9.82
CA ALA A 206 6.66 -13.60 -9.72
C ALA A 206 6.20 -14.59 -10.80
N VAL A 207 6.67 -14.41 -12.02
CA VAL A 207 6.28 -15.32 -13.10
C VAL A 207 6.80 -16.72 -12.76
N PHE A 208 8.07 -16.80 -12.36
CA PHE A 208 8.65 -18.08 -12.00
C PHE A 208 7.83 -18.77 -10.91
N LEU A 209 7.45 -18.02 -9.87
CA LEU A 209 6.68 -18.59 -8.77
C LEU A 209 5.31 -19.10 -9.24
N VAL A 210 4.67 -18.36 -10.12
CA VAL A 210 3.37 -18.77 -10.63
C VAL A 210 3.52 -20.10 -11.39
N ILE A 211 4.56 -20.19 -12.21
CA ILE A 211 4.81 -21.40 -12.98
C ILE A 211 5.01 -22.58 -12.03
N ARG A 212 5.88 -22.40 -11.04
CA ARG A 212 6.13 -23.45 -10.07
C ARG A 212 4.84 -23.88 -9.37
N VAL A 213 4.04 -22.90 -8.94
CA VAL A 213 2.78 -23.17 -8.26
C VAL A 213 1.81 -23.92 -9.16
N PHE A 214 1.77 -23.54 -10.44
CA PHE A 214 0.89 -24.17 -11.40
C PHE A 214 1.17 -25.66 -11.58
N LEU A 215 2.35 -26.10 -11.15
CA LEU A 215 2.72 -27.52 -11.26
C LEU A 215 2.31 -28.30 -10.03
N LEU A 216 1.81 -27.60 -9.01
CA LEU A 216 1.39 -28.26 -7.77
C LEU A 216 0.13 -29.08 -7.95
N GLU A 217 0.16 -30.29 -7.42
CA GLU A 217 -0.96 -31.20 -7.49
C GLU A 217 -0.85 -32.19 -6.35
N THR A 218 -1.95 -32.38 -5.63
CA THR A 218 -1.97 -33.29 -4.50
C THR A 218 -3.30 -34.01 -4.51
N PRO A 219 -3.48 -34.99 -3.60
CA PRO A 219 -4.74 -35.73 -3.56
C PRO A 219 -5.91 -34.80 -3.27
N ASN A 220 -5.62 -33.59 -2.78
CA ASN A 220 -6.67 -32.63 -2.45
C ASN A 220 -7.00 -31.64 -3.56
N GLY A 221 -6.18 -31.61 -4.62
CA GLY A 221 -6.46 -30.70 -5.70
C GLY A 221 -5.24 -30.23 -6.47
N THR A 222 -5.48 -29.32 -7.41
CA THR A 222 -4.43 -28.76 -8.25
C THR A 222 -4.53 -27.24 -8.21
N ALA A 223 -3.52 -26.56 -8.74
CA ALA A 223 -3.52 -25.10 -8.76
C ALA A 223 -4.73 -24.60 -9.54
N ALA A 224 -5.14 -25.37 -10.54
CA ALA A 224 -6.29 -25.02 -11.37
C ALA A 224 -7.54 -24.81 -10.53
N ASP A 225 -7.74 -25.67 -9.52
CA ASP A 225 -8.91 -25.54 -8.65
C ASP A 225 -8.87 -24.18 -7.96
N GLY A 226 -7.66 -23.69 -7.74
CA GLY A 226 -7.49 -22.40 -7.09
C GLY A 226 -7.92 -21.28 -8.00
N LEU A 227 -7.53 -21.34 -9.26
CA LEU A 227 -7.92 -20.32 -10.22
C LEU A 227 -9.44 -20.36 -10.45
N ASN A 228 -10.02 -21.55 -10.47
CA ASN A 228 -11.46 -21.68 -10.66
C ASN A 228 -12.19 -20.98 -9.53
N PHE A 229 -11.73 -21.22 -8.30
CA PHE A 229 -12.33 -20.62 -7.13
C PHE A 229 -12.27 -19.09 -7.16
N LEU A 230 -11.18 -18.55 -7.70
CA LEU A 230 -11.00 -17.10 -7.74
C LEU A 230 -11.68 -16.40 -8.92
N TRP A 231 -11.79 -17.10 -10.04
CA TRP A 231 -12.38 -16.50 -11.24
C TRP A 231 -13.75 -17.01 -11.65
N THR A 232 -14.52 -17.52 -10.70
CA THR A 232 -15.86 -18.01 -11.00
C THR A 232 -16.88 -17.15 -10.28
N PRO A 233 -17.66 -16.36 -11.05
CA PRO A 233 -18.70 -15.47 -10.53
C PRO A 233 -19.68 -16.11 -9.56
N ASP A 234 -20.26 -15.27 -8.71
CA ASP A 234 -21.23 -15.69 -7.71
C ASP A 234 -22.12 -14.47 -7.47
N PHE A 235 -22.95 -14.17 -8.47
CA PHE A 235 -23.85 -13.02 -8.44
C PHE A 235 -24.76 -12.89 -7.22
N GLU A 236 -24.74 -13.89 -6.35
CA GLU A 236 -25.59 -13.82 -5.17
C GLU A 236 -24.98 -13.07 -3.99
N LYS A 237 -23.82 -12.46 -4.21
CA LYS A 237 -23.18 -11.69 -3.15
C LYS A 237 -23.01 -10.24 -3.57
N LEU A 238 -23.42 -9.93 -4.79
CA LEU A 238 -23.33 -8.56 -5.31
C LEU A 238 -24.18 -7.64 -4.46
N LYS A 239 -24.94 -8.22 -3.54
CA LYS A 239 -25.79 -7.45 -2.66
C LYS A 239 -25.31 -7.39 -1.21
N ASP A 240 -24.08 -7.81 -0.95
CA ASP A 240 -23.52 -7.74 0.40
C ASP A 240 -22.63 -6.51 0.51
N PRO A 241 -22.94 -5.60 1.43
CA PRO A 241 -22.14 -4.38 1.61
C PRO A 241 -20.69 -4.70 1.96
N GLY A 242 -20.50 -5.69 2.84
CA GLY A 242 -19.19 -6.09 3.26
C GLY A 242 -18.21 -6.41 2.15
N VAL A 243 -18.66 -7.15 1.14
CA VAL A 243 -17.79 -7.50 0.02
C VAL A 243 -17.41 -6.24 -0.74
N TRP A 244 -18.35 -5.31 -0.87
CA TRP A 244 -18.10 -4.06 -1.57
C TRP A 244 -17.09 -3.20 -0.82
N ILE A 245 -17.24 -3.15 0.50
CA ILE A 245 -16.31 -2.38 1.33
C ILE A 245 -14.91 -2.97 1.20
N ALA A 246 -14.82 -4.29 1.23
CA ALA A 246 -13.53 -4.97 1.12
C ALA A 246 -12.92 -4.70 -0.24
N ALA A 247 -13.74 -4.85 -1.29
CA ALA A 247 -13.30 -4.63 -2.66
C ALA A 247 -12.76 -3.22 -2.89
N VAL A 248 -13.52 -2.21 -2.45
CA VAL A 248 -13.10 -0.83 -2.64
C VAL A 248 -11.86 -0.52 -1.81
N GLY A 249 -11.81 -1.06 -0.59
CA GLY A 249 -10.67 -0.84 0.26
C GLY A 249 -9.41 -1.40 -0.39
N GLN A 250 -9.53 -2.57 -1.00
CA GLN A 250 -8.39 -3.20 -1.66
C GLN A 250 -7.90 -2.36 -2.84
N ILE A 251 -8.85 -1.84 -3.62
CA ILE A 251 -8.51 -1.01 -4.77
C ILE A 251 -7.72 0.22 -4.34
N PHE A 252 -8.14 0.86 -3.26
CA PHE A 252 -7.44 2.03 -2.75
C PHE A 252 -6.04 1.62 -2.33
N PHE A 253 -5.97 0.60 -1.48
CA PHE A 253 -4.69 0.15 -0.98
C PHE A 253 -3.71 -0.29 -2.09
N THR A 254 -4.18 -1.13 -3.00
CA THR A 254 -3.30 -1.63 -4.05
C THR A 254 -2.83 -0.60 -5.06
N LEU A 255 -3.65 0.42 -5.30
CA LEU A 255 -3.24 1.45 -6.26
C LEU A 255 -2.56 2.64 -5.58
N SER A 256 -2.34 2.54 -4.27
CA SER A 256 -1.71 3.61 -3.49
C SER A 256 -2.52 4.90 -3.56
N LEU A 257 -3.84 4.77 -3.62
CA LEU A 257 -4.72 5.95 -3.71
C LEU A 257 -5.16 6.41 -2.33
N GLY A 258 -5.17 7.73 -2.13
CA GLY A 258 -5.58 8.29 -0.86
C GLY A 258 -4.47 8.32 0.17
N PHE A 259 -3.25 8.03 -0.27
CA PHE A 259 -2.06 8.01 0.60
C PHE A 259 -1.17 9.24 0.34
N GLY A 260 -1.59 10.10 -0.59
CA GLY A 260 -0.79 11.26 -0.92
C GLY A 260 0.51 10.89 -1.61
N ALA A 261 0.69 9.60 -1.88
CA ALA A 261 1.91 9.08 -2.51
C ALA A 261 1.94 9.22 -4.03
N ILE A 262 0.82 8.94 -4.69
CA ILE A 262 0.74 9.08 -6.14
C ILE A 262 0.89 10.56 -6.45
N ILE A 263 0.23 11.39 -5.64
CA ILE A 263 0.29 12.83 -5.81
C ILE A 263 1.71 13.34 -5.73
N THR A 264 2.46 12.92 -4.71
CA THR A 264 3.83 13.39 -4.56
C THR A 264 4.76 12.94 -5.69
N TYR A 265 4.63 11.69 -6.13
CA TYR A 265 5.46 11.20 -7.23
C TYR A 265 5.15 12.02 -8.49
N ALA A 266 3.87 12.28 -8.71
CA ALA A 266 3.45 13.03 -9.89
C ALA A 266 3.91 14.47 -9.87
N SER A 267 4.33 14.96 -8.70
CA SER A 267 4.78 16.34 -8.58
C SER A 267 6.16 16.50 -9.19
N TYR A 268 6.78 15.40 -9.58
CA TYR A 268 8.10 15.46 -10.20
C TYR A 268 7.99 15.26 -11.71
N VAL A 269 6.76 15.10 -12.18
CA VAL A 269 6.50 14.96 -13.61
C VAL A 269 6.52 16.36 -14.21
N ARG A 270 7.23 16.54 -15.32
CA ARG A 270 7.29 17.85 -15.95
C ARG A 270 5.90 18.35 -16.32
N LYS A 271 5.66 19.62 -16.02
CA LYS A 271 4.41 20.32 -16.26
C LYS A 271 3.72 20.00 -17.59
N ASP A 272 4.52 19.72 -18.63
CA ASP A 272 3.99 19.44 -19.96
C ASP A 272 3.74 17.96 -20.23
N GLN A 273 4.40 17.09 -19.47
CA GLN A 273 4.28 15.65 -19.62
C GLN A 273 2.88 15.08 -19.47
N ASP A 274 2.58 14.06 -20.28
CA ASP A 274 1.29 13.37 -20.25
C ASP A 274 1.12 12.66 -18.90
N ILE A 275 -0.12 12.53 -18.44
CA ILE A 275 -0.38 11.82 -17.20
C ILE A 275 -1.55 10.87 -17.42
N VAL A 276 -2.28 11.07 -18.51
CA VAL A 276 -3.42 10.21 -18.82
C VAL A 276 -2.99 8.79 -19.17
N LEU A 277 -2.11 8.67 -20.16
CA LEU A 277 -1.65 7.35 -20.57
C LEU A 277 -0.73 6.74 -19.51
N SER A 278 0.17 7.56 -18.98
N SER A 278 0.17 7.56 -18.99
CA SER A 278 1.10 7.11 -17.96
CA SER A 278 1.11 7.13 -17.96
C SER A 278 0.36 6.63 -16.70
C SER A 278 0.38 6.65 -16.70
N GLY A 279 -0.65 7.39 -16.30
CA GLY A 279 -1.41 7.01 -15.12
C GLY A 279 -2.15 5.71 -15.33
N LEU A 280 -2.79 5.58 -16.50
CA LEU A 280 -3.54 4.38 -16.84
C LEU A 280 -2.59 3.17 -16.92
N THR A 281 -1.39 3.39 -17.44
CA THR A 281 -0.41 2.31 -17.58
C THR A 281 0.05 1.81 -16.21
N ALA A 282 0.37 2.74 -15.31
CA ALA A 282 0.80 2.38 -13.96
C ALA A 282 -0.32 1.59 -13.29
N ALA A 283 -1.54 2.07 -13.44
CA ALA A 283 -2.70 1.41 -12.84
C ALA A 283 -2.93 0.03 -13.44
N THR A 284 -2.80 -0.07 -14.76
CA THR A 284 -2.99 -1.34 -15.47
C THR A 284 -1.92 -2.34 -15.08
N LEU A 285 -0.68 -1.87 -14.98
CA LEU A 285 0.43 -2.74 -14.60
C LEU A 285 0.19 -3.30 -13.20
N ASN A 286 -0.37 -2.48 -12.30
CA ASN A 286 -0.63 -2.96 -10.95
C ASN A 286 -1.70 -4.03 -10.92
N GLU A 287 -2.76 -3.83 -11.68
CA GLU A 287 -3.84 -4.81 -11.72
C GLU A 287 -3.39 -6.15 -12.27
N LYS A 288 -2.53 -6.12 -13.29
CA LYS A 288 -2.02 -7.37 -13.85
C LYS A 288 -1.19 -8.09 -12.78
N ALA A 289 -0.31 -7.35 -12.13
CA ALA A 289 0.54 -7.91 -11.09
C ALA A 289 -0.30 -8.45 -9.94
N GLU A 290 -1.42 -7.79 -9.66
CA GLU A 290 -2.31 -8.21 -8.59
C GLU A 290 -3.18 -9.42 -8.92
N VAL A 291 -4.04 -9.30 -9.92
CA VAL A 291 -4.93 -10.41 -10.27
C VAL A 291 -4.27 -11.58 -10.98
N ILE A 292 -3.31 -11.30 -11.86
CA ILE A 292 -2.65 -12.38 -12.58
C ILE A 292 -1.50 -13.02 -11.80
N LEU A 293 -0.62 -12.21 -11.24
CA LEU A 293 0.51 -12.75 -10.50
C LEU A 293 0.20 -13.05 -9.03
N GLY A 294 -0.27 -12.04 -8.29
CA GLY A 294 -0.58 -12.24 -6.89
C GLY A 294 -1.71 -13.23 -6.68
N GLY A 295 -2.70 -13.16 -7.55
CA GLY A 295 -3.84 -14.06 -7.45
C GLY A 295 -3.52 -15.49 -7.82
N SER A 296 -2.46 -15.70 -8.61
CA SER A 296 -2.07 -17.03 -9.05
C SER A 296 -1.00 -17.75 -8.21
N ILE A 297 -0.56 -17.13 -7.13
CA ILE A 297 0.46 -17.78 -6.30
C ILE A 297 -0.05 -18.44 -5.03
N SER A 298 -0.37 -17.65 -4.00
CA SER A 298 -0.80 -18.21 -2.74
C SER A 298 -2.13 -18.97 -2.69
N ILE A 299 -3.16 -18.45 -3.35
N ILE A 299 -3.16 -18.46 -3.35
CA ILE A 299 -4.45 -19.14 -3.35
CA ILE A 299 -4.45 -19.15 -3.34
C ILE A 299 -4.37 -20.51 -4.04
C ILE A 299 -4.38 -20.51 -4.05
N PRO A 300 -3.87 -20.55 -5.29
CA PRO A 300 -3.79 -21.85 -5.98
C PRO A 300 -2.93 -22.84 -5.20
N ALA A 301 -1.86 -22.36 -4.57
CA ALA A 301 -0.99 -23.25 -3.82
C ALA A 301 -1.75 -23.83 -2.62
N ALA A 302 -2.41 -22.96 -1.87
CA ALA A 302 -3.15 -23.38 -0.69
C ALA A 302 -4.29 -24.33 -1.05
N VAL A 303 -5.02 -24.01 -2.12
CA VAL A 303 -6.14 -24.85 -2.55
C VAL A 303 -5.64 -26.20 -3.06
N ALA A 304 -4.55 -26.20 -3.81
CA ALA A 304 -4.01 -27.45 -4.34
C ALA A 304 -3.67 -28.42 -3.21
N PHE A 305 -3.06 -27.90 -2.13
CA PHE A 305 -2.67 -28.75 -1.00
C PHE A 305 -3.74 -29.05 0.04
N PHE A 306 -4.66 -28.11 0.27
CA PHE A 306 -5.69 -28.30 1.29
C PHE A 306 -7.14 -28.27 0.81
N GLY A 307 -7.35 -27.90 -0.45
CA GLY A 307 -8.71 -27.82 -0.95
C GLY A 307 -9.23 -26.41 -0.69
N VAL A 308 -10.33 -26.05 -1.34
CA VAL A 308 -10.89 -24.72 -1.19
C VAL A 308 -11.36 -24.37 0.24
N ALA A 309 -12.20 -25.23 0.81
CA ALA A 309 -12.72 -24.99 2.15
C ALA A 309 -11.64 -24.68 3.18
N ASN A 310 -10.59 -25.47 3.19
CA ASN A 310 -9.49 -25.25 4.14
C ASN A 310 -8.66 -24.02 3.78
N ALA A 311 -8.52 -23.76 2.48
CA ALA A 311 -7.76 -22.60 2.03
C ALA A 311 -8.46 -21.35 2.55
N VAL A 312 -9.77 -21.28 2.32
CA VAL A 312 -10.57 -20.15 2.77
C VAL A 312 -10.45 -19.97 4.28
N ALA A 313 -10.56 -21.06 5.03
CA ALA A 313 -10.45 -21.00 6.48
C ALA A 313 -9.10 -20.41 6.88
N ILE A 314 -8.06 -20.75 6.12
CA ILE A 314 -6.72 -20.25 6.37
C ILE A 314 -6.66 -18.74 6.21
N ALA A 315 -7.17 -18.25 5.09
CA ALA A 315 -7.17 -16.81 4.83
C ALA A 315 -7.94 -16.06 5.93
N LYS A 316 -9.08 -16.61 6.33
CA LYS A 316 -9.91 -16.01 7.37
C LYS A 316 -9.26 -16.07 8.75
N ALA A 317 -8.38 -17.05 8.95
CA ALA A 317 -7.69 -17.19 10.22
C ALA A 317 -6.91 -15.89 10.45
N GLY A 318 -6.39 -15.34 9.37
CA GLY A 318 -5.70 -14.06 9.44
C GLY A 318 -4.19 -14.01 9.68
N ALA A 319 -3.84 -13.09 10.58
CA ALA A 319 -2.47 -12.83 10.97
C ALA A 319 -1.35 -13.26 10.07
N PHE A 320 -1.34 -12.78 8.82
CA PHE A 320 -0.27 -13.08 7.86
C PHE A 320 -0.04 -14.58 7.66
N ASN A 321 -1.06 -15.35 8.02
CA ASN A 321 -0.96 -16.79 7.94
C ASN A 321 -0.73 -17.33 6.54
N LEU A 322 -1.48 -16.85 5.56
CA LEU A 322 -1.34 -17.34 4.20
C LEU A 322 0.05 -17.15 3.59
N GLY A 323 0.59 -15.94 3.70
CA GLY A 323 1.89 -15.64 3.13
C GLY A 323 3.14 -15.97 3.92
N PHE A 324 3.08 -15.90 5.24
CA PHE A 324 4.24 -16.16 6.09
C PHE A 324 4.28 -17.55 6.73
N ILE A 325 3.15 -18.24 6.71
CA ILE A 325 3.09 -19.56 7.32
C ILE A 325 2.73 -20.66 6.33
N THR A 326 1.52 -20.56 5.77
CA THR A 326 1.02 -21.56 4.84
C THR A 326 1.84 -21.77 3.58
N LEU A 327 2.11 -20.71 2.82
CA LEU A 327 2.87 -20.88 1.58
C LEU A 327 4.25 -21.50 1.83
N PRO A 328 5.01 -20.97 2.80
CA PRO A 328 6.32 -21.58 3.04
C PRO A 328 6.22 -23.05 3.49
N ALA A 329 5.15 -23.37 4.23
CA ALA A 329 4.93 -24.73 4.70
C ALA A 329 4.69 -25.63 3.49
N ILE A 330 3.85 -25.17 2.57
CA ILE A 330 3.54 -25.91 1.36
C ILE A 330 4.82 -26.13 0.56
N PHE A 331 5.60 -25.06 0.38
CA PHE A 331 6.85 -25.16 -0.37
C PHE A 331 7.84 -26.14 0.26
N SER A 332 7.85 -26.21 1.59
CA SER A 332 8.76 -27.11 2.29
C SER A 332 8.52 -28.58 1.93
N GLN A 333 7.35 -28.88 1.37
CA GLN A 333 7.01 -30.24 1.00
C GLN A 333 7.46 -30.57 -0.42
N THR A 334 8.22 -29.68 -1.04
CA THR A 334 8.69 -29.89 -2.40
C THR A 334 10.21 -29.77 -2.50
N ALA A 335 10.78 -30.35 -3.54
CA ALA A 335 12.22 -30.32 -3.75
C ALA A 335 12.67 -28.89 -4.00
N GLY A 336 13.69 -28.46 -3.27
CA GLY A 336 14.18 -27.10 -3.42
C GLY A 336 13.19 -26.11 -2.83
N GLY A 337 12.27 -26.62 -2.00
CA GLY A 337 11.25 -25.78 -1.39
C GLY A 337 11.72 -24.64 -0.51
N THR A 338 12.84 -24.82 0.17
CA THR A 338 13.37 -23.76 1.03
C THR A 338 13.82 -22.61 0.15
N PHE A 339 14.43 -22.94 -0.99
CA PHE A 339 14.88 -21.90 -1.92
C PHE A 339 13.67 -21.21 -2.56
N LEU A 340 12.61 -21.96 -2.79
CA LEU A 340 11.37 -21.38 -3.35
C LEU A 340 10.85 -20.36 -2.34
N GLY A 341 10.97 -20.72 -1.06
CA GLY A 341 10.54 -19.83 0.01
C GLY A 341 11.36 -18.57 -0.03
N PHE A 342 12.66 -18.73 -0.24
CA PHE A 342 13.55 -17.58 -0.34
C PHE A 342 13.10 -16.64 -1.47
N LEU A 343 12.84 -17.21 -2.65
CA LEU A 343 12.40 -16.43 -3.81
C LEU A 343 11.08 -15.69 -3.53
N TRP A 344 10.18 -16.35 -2.81
CA TRP A 344 8.89 -15.77 -2.45
C TRP A 344 9.10 -14.55 -1.55
N PHE A 345 9.90 -14.71 -0.49
CA PHE A 345 10.15 -13.60 0.41
C PHE A 345 11.01 -12.50 -0.21
N PHE A 346 11.89 -12.88 -1.14
CA PHE A 346 12.72 -11.89 -1.81
C PHE A 346 11.80 -11.05 -2.69
N LEU A 347 10.85 -11.73 -3.34
CA LEU A 347 9.87 -11.05 -4.18
C LEU A 347 9.06 -10.07 -3.33
N LEU A 348 8.62 -10.52 -2.15
CA LEU A 348 7.86 -9.66 -1.25
C LEU A 348 8.70 -8.48 -0.78
N PHE A 349 9.98 -8.71 -0.53
CA PHE A 349 10.84 -7.64 -0.08
C PHE A 349 10.96 -6.53 -1.11
N PHE A 350 11.21 -6.89 -2.37
CA PHE A 350 11.32 -5.89 -3.43
C PHE A 350 9.98 -5.21 -3.70
N ALA A 351 8.89 -5.97 -3.59
CA ALA A 351 7.57 -5.40 -3.80
C ALA A 351 7.33 -4.37 -2.68
N GLY A 352 7.69 -4.74 -1.46
CA GLY A 352 7.51 -3.83 -0.34
C GLY A 352 8.42 -2.62 -0.41
N LEU A 353 9.71 -2.84 -0.66
CA LEU A 353 10.67 -1.75 -0.73
C LEU A 353 10.30 -0.65 -1.75
N THR A 354 9.88 -1.04 -2.95
CA THR A 354 9.51 -0.07 -3.97
C THR A 354 8.26 0.71 -3.57
N SER A 355 7.49 0.15 -2.64
CA SER A 355 6.28 0.80 -2.16
C SER A 355 6.54 1.65 -0.91
N SER A 356 7.41 1.19 -0.01
CA SER A 356 7.69 1.95 1.20
C SER A 356 8.42 3.26 0.92
N ILE A 357 9.31 3.27 -0.07
CA ILE A 357 10.00 4.52 -0.39
C ILE A 357 8.95 5.52 -0.92
N ALA A 358 7.87 5.01 -1.49
CA ALA A 358 6.81 5.86 -2.02
C ALA A 358 5.97 6.52 -0.92
N ILE A 359 5.82 5.85 0.23
CA ILE A 359 5.04 6.45 1.30
C ILE A 359 5.86 7.25 2.31
N MET A 360 7.18 7.28 2.09
CA MET A 360 8.05 8.09 2.94
C MET A 360 8.38 9.39 2.20
N GLN A 361 8.31 9.35 0.86
CA GLN A 361 8.63 10.53 0.05
C GLN A 361 7.69 11.72 0.29
N PRO A 362 6.42 11.49 0.69
CA PRO A 362 5.56 12.65 0.93
C PRO A 362 6.10 13.53 2.06
N MET A 363 6.51 12.88 3.16
CA MET A 363 7.06 13.61 4.29
C MET A 363 8.37 14.28 3.86
N ILE A 364 9.17 13.57 3.06
CA ILE A 364 10.43 14.12 2.57
C ILE A 364 10.18 15.34 1.69
N ALA A 365 9.20 15.23 0.79
CA ALA A 365 8.85 16.34 -0.12
C ALA A 365 8.35 17.54 0.66
N PHE A 366 7.54 17.29 1.69
CA PHE A 366 7.02 18.38 2.50
C PHE A 366 8.17 19.12 3.18
N LEU A 367 9.08 18.38 3.81
CA LEU A 367 10.20 19.00 4.49
C LEU A 367 11.10 19.80 3.55
N GLU A 368 11.26 19.31 2.33
CA GLU A 368 12.08 20.00 1.33
C GLU A 368 11.34 21.20 0.76
N ASP A 369 10.13 20.97 0.27
CA ASP A 369 9.33 22.02 -0.36
C ASP A 369 8.88 23.12 0.58
N GLU A 370 8.32 22.76 1.72
CA GLU A 370 7.78 23.74 2.65
C GLU A 370 8.67 24.23 3.79
N LEU A 371 9.57 23.39 4.29
CA LEU A 371 10.45 23.84 5.37
C LEU A 371 11.87 24.05 4.86
N LYS A 372 12.05 23.87 3.56
CA LYS A 372 13.34 24.07 2.90
C LYS A 372 14.52 23.27 3.43
N LEU A 373 14.28 22.06 3.93
CA LEU A 373 15.39 21.26 4.39
C LEU A 373 16.09 20.65 3.18
N SER A 374 17.36 20.29 3.34
CA SER A 374 18.10 19.66 2.27
C SER A 374 17.52 18.25 2.16
N ARG A 375 17.68 17.61 1.01
CA ARG A 375 17.15 16.26 0.84
C ARG A 375 17.76 15.33 1.89
N LYS A 376 19.05 15.51 2.18
CA LYS A 376 19.71 14.68 3.18
C LYS A 376 19.04 14.74 4.54
N HIS A 377 18.79 15.95 5.01
CA HIS A 377 18.15 16.15 6.31
C HIS A 377 16.70 15.72 6.31
N ALA A 378 16.01 15.98 5.21
CA ALA A 378 14.60 15.60 5.09
C ALA A 378 14.46 14.09 5.14
N VAL A 379 15.34 13.39 4.43
CA VAL A 379 15.29 11.94 4.42
C VAL A 379 15.64 11.37 5.78
N LEU A 380 16.71 11.87 6.39
CA LEU A 380 17.15 11.38 7.69
C LEU A 380 16.12 11.60 8.80
N TRP A 381 15.51 12.78 8.84
CA TRP A 381 14.51 13.07 9.87
C TRP A 381 13.26 12.21 9.65
N THR A 382 12.89 12.01 8.39
CA THR A 382 11.72 11.19 8.09
C THR A 382 11.98 9.76 8.57
N ALA A 383 13.17 9.23 8.25
CA ALA A 383 13.54 7.89 8.66
C ALA A 383 13.53 7.76 10.19
N ALA A 384 14.01 8.80 10.87
CA ALA A 384 14.07 8.79 12.32
C ALA A 384 12.67 8.71 12.93
N ILE A 385 11.74 9.48 12.36
CA ILE A 385 10.36 9.49 12.85
C ILE A 385 9.70 8.14 12.61
N VAL A 386 9.92 7.56 11.44
CA VAL A 386 9.34 6.26 11.12
C VAL A 386 9.96 5.17 12.01
N PHE A 387 11.28 5.20 12.13
CA PHE A 387 12.00 4.22 12.95
C PHE A 387 11.53 4.28 14.42
N PHE A 388 11.51 5.48 14.99
CA PHE A 388 11.09 5.63 16.37
C PHE A 388 9.65 5.15 16.56
N SER A 389 8.75 5.70 15.75
CA SER A 389 7.33 5.36 15.82
C SER A 389 7.02 3.88 15.65
N ALA A 390 7.81 3.19 14.83
CA ALA A 390 7.60 1.77 14.57
C ALA A 390 7.74 0.91 15.83
N HIS A 391 8.39 1.44 16.86
CA HIS A 391 8.53 0.64 18.08
C HIS A 391 7.15 0.34 18.68
N LEU A 392 6.17 1.18 18.38
CA LEU A 392 4.82 0.95 18.88
C LEU A 392 4.27 -0.31 18.18
N VAL A 393 4.50 -0.41 16.89
CA VAL A 393 4.04 -1.55 16.10
C VAL A 393 4.79 -2.84 16.45
N MET A 394 6.07 -2.71 16.75
CA MET A 394 6.90 -3.87 17.08
C MET A 394 6.65 -4.45 18.47
N PHE A 395 6.21 -3.64 19.41
CA PHE A 395 6.00 -4.10 20.79
C PHE A 395 4.60 -4.16 21.35
N LEU A 396 3.63 -3.49 20.71
CA LEU A 396 2.26 -3.51 21.21
C LEU A 396 1.37 -4.33 20.29
N ASN A 397 0.87 -5.45 20.78
CA ASN A 397 0.02 -6.32 19.99
C ASN A 397 -1.21 -5.56 19.48
N LYS A 398 -1.49 -5.69 18.18
CA LYS A 398 -2.63 -5.04 17.53
C LYS A 398 -2.48 -3.56 17.15
N SER A 399 -1.34 -2.96 17.48
CA SER A 399 -1.10 -1.57 17.11
C SER A 399 -1.06 -1.51 15.58
N LEU A 400 -0.41 -2.49 14.96
CA LEU A 400 -0.33 -2.54 13.51
C LEU A 400 -1.73 -2.54 12.90
N ASP A 401 -2.63 -3.35 13.46
CA ASP A 401 -4.00 -3.42 12.94
C ASP A 401 -4.73 -2.09 13.06
N GLU A 402 -4.52 -1.41 14.18
CA GLU A 402 -5.16 -0.13 14.45
C GLU A 402 -4.70 0.93 13.44
N MET A 403 -3.40 0.97 13.17
CA MET A 403 -2.87 1.94 12.20
C MET A 403 -3.34 1.59 10.79
N ASP A 404 -3.30 0.31 10.46
CA ASP A 404 -3.74 -0.14 9.13
C ASP A 404 -5.20 0.23 8.91
N PHE A 405 -5.99 0.22 9.98
CA PHE A 405 -7.40 0.56 9.86
C PHE A 405 -7.65 2.05 9.67
N TRP A 406 -7.26 2.86 10.66
CA TRP A 406 -7.49 4.31 10.60
C TRP A 406 -6.84 5.04 9.45
N ALA A 407 -5.59 4.71 9.14
CA ALA A 407 -4.92 5.39 8.05
C ALA A 407 -5.06 4.64 6.73
N GLY A 408 -4.70 3.36 6.74
CA GLY A 408 -4.73 2.57 5.52
C GLY A 408 -6.05 2.02 5.00
N THR A 409 -7.12 2.12 5.77
CA THR A 409 -8.41 1.60 5.33
C THR A 409 -9.46 2.70 5.30
N ILE A 410 -9.80 3.26 6.45
CA ILE A 410 -10.79 4.33 6.54
C ILE A 410 -10.19 5.62 5.99
N GLY A 411 -8.99 5.93 6.48
CA GLY A 411 -8.31 7.14 6.08
C GLY A 411 -8.21 7.37 4.59
N VAL A 412 -7.75 6.38 3.84
CA VAL A 412 -7.59 6.53 2.41
C VAL A 412 -8.91 6.76 1.67
N VAL A 413 -9.98 6.08 2.09
CA VAL A 413 -11.27 6.26 1.43
C VAL A 413 -11.77 7.68 1.69
N PHE A 414 -11.62 8.13 2.93
CA PHE A 414 -12.02 9.48 3.31
C PHE A 414 -11.19 10.50 2.54
N PHE A 415 -9.88 10.27 2.46
CA PHE A 415 -9.00 11.21 1.76
C PHE A 415 -9.26 11.21 0.25
N GLY A 416 -9.61 10.05 -0.29
CA GLY A 416 -9.90 9.96 -1.71
C GLY A 416 -11.11 10.82 -2.05
N LEU A 417 -12.12 10.76 -1.20
CA LEU A 417 -13.34 11.53 -1.38
C LEU A 417 -13.00 13.01 -1.22
N THR A 418 -12.22 13.32 -0.19
CA THR A 418 -11.80 14.69 0.09
C THR A 418 -11.05 15.31 -1.08
N GLU A 419 -10.06 14.60 -1.61
CA GLU A 419 -9.29 15.15 -2.71
C GLU A 419 -10.15 15.32 -3.96
N LEU A 420 -11.08 14.40 -4.19
CA LEU A 420 -11.95 14.50 -5.35
C LEU A 420 -12.85 15.74 -5.24
N ILE A 421 -13.47 15.92 -4.08
CA ILE A 421 -14.34 17.06 -3.86
C ILE A 421 -13.58 18.37 -4.05
N ILE A 422 -12.38 18.46 -3.47
CA ILE A 422 -11.58 19.67 -3.59
C ILE A 422 -11.16 19.96 -5.04
N PHE A 423 -10.75 18.93 -5.76
CA PHE A 423 -10.30 19.09 -7.14
C PHE A 423 -11.42 19.19 -8.18
N PHE A 424 -12.40 18.31 -8.10
CA PHE A 424 -13.48 18.31 -9.07
C PHE A 424 -14.72 19.12 -8.74
N TRP A 425 -14.91 19.47 -7.47
CA TRP A 425 -16.08 20.26 -7.10
C TRP A 425 -15.74 21.70 -6.74
N ILE A 426 -14.80 21.87 -5.81
CA ILE A 426 -14.41 23.20 -5.37
C ILE A 426 -13.51 23.91 -6.37
N PHE A 427 -12.42 23.27 -6.77
CA PHE A 427 -11.50 23.86 -7.74
C PHE A 427 -12.24 24.07 -9.07
N GLY A 428 -13.14 23.16 -9.39
CA GLY A 428 -13.92 23.28 -10.63
C GLY A 428 -13.80 22.07 -11.54
N ALA A 429 -14.92 21.39 -11.76
CA ALA A 429 -14.96 20.21 -12.61
C ALA A 429 -14.35 20.43 -13.99
N ASP A 430 -14.70 21.54 -14.64
CA ASP A 430 -14.16 21.82 -15.96
C ASP A 430 -12.68 22.20 -15.93
N LYS A 431 -12.27 22.89 -14.88
CA LYS A 431 -10.86 23.27 -14.73
C LYS A 431 -10.06 21.99 -14.43
N ALA A 432 -10.64 21.13 -13.61
CA ALA A 432 -9.98 19.88 -13.25
C ALA A 432 -9.86 18.98 -14.48
N TRP A 433 -10.95 18.86 -15.24
CA TRP A 433 -10.97 18.05 -16.43
C TRP A 433 -9.92 18.56 -17.41
N GLU A 434 -9.87 19.88 -17.54
CA GLU A 434 -8.90 20.54 -18.42
C GLU A 434 -7.47 20.18 -17.99
N GLU A 435 -7.19 20.35 -16.70
CA GLU A 435 -5.87 20.07 -16.15
C GLU A 435 -5.45 18.61 -16.32
N ILE A 436 -6.40 17.69 -16.15
CA ILE A 436 -6.10 16.28 -16.30
C ILE A 436 -5.68 15.92 -17.73
N ASN A 437 -6.44 16.41 -18.71
CA ASN A 437 -6.16 16.11 -20.10
C ASN A 437 -5.03 16.89 -20.74
N ARG A 438 -4.63 18.00 -20.13
CA ARG A 438 -3.55 18.83 -20.66
C ARG A 438 -2.26 18.02 -20.87
N GLY A 439 -1.77 18.03 -22.11
CA GLY A 439 -0.54 17.31 -22.42
C GLY A 439 -0.69 15.82 -22.59
N GLY A 440 -1.90 15.31 -22.42
CA GLY A 440 -2.12 13.88 -22.55
C GLY A 440 -1.85 13.31 -23.94
N ILE A 441 -1.23 12.13 -23.97
CA ILE A 441 -0.93 11.45 -25.22
C ILE A 441 -2.28 10.93 -25.73
N ILE A 442 -3.17 10.66 -24.79
CA ILE A 442 -4.53 10.21 -25.09
C ILE A 442 -5.42 11.03 -24.17
N LYS A 443 -6.70 11.16 -24.52
CA LYS A 443 -7.61 11.91 -23.67
C LYS A 443 -8.43 10.95 -22.83
N VAL A 444 -8.91 11.43 -21.70
CA VAL A 444 -9.73 10.59 -20.84
C VAL A 444 -11.10 10.44 -21.49
N PRO A 445 -11.60 9.20 -21.58
CA PRO A 445 -12.91 8.98 -22.20
C PRO A 445 -13.90 9.92 -21.52
N ARG A 446 -14.71 10.57 -22.33
CA ARG A 446 -15.69 11.53 -21.86
C ARG A 446 -16.63 11.06 -20.77
N ILE A 447 -17.06 9.81 -20.85
CA ILE A 447 -17.97 9.27 -19.86
C ILE A 447 -17.37 9.42 -18.44
N TYR A 448 -16.03 9.46 -18.35
CA TYR A 448 -15.38 9.59 -17.05
C TYR A 448 -15.56 10.96 -16.39
N TYR A 449 -15.88 11.97 -17.18
CA TYR A 449 -16.11 13.30 -16.61
C TYR A 449 -17.29 13.20 -15.65
N TYR A 450 -18.32 12.48 -16.09
CA TYR A 450 -19.52 12.30 -15.30
C TYR A 450 -19.29 11.33 -14.14
N VAL A 451 -18.40 10.37 -14.35
CA VAL A 451 -18.07 9.42 -13.31
C VAL A 451 -17.35 10.17 -12.19
N MET A 452 -16.36 10.97 -12.55
CA MET A 452 -15.59 11.73 -11.58
C MET A 452 -16.43 12.74 -10.82
N ARG A 453 -17.26 13.50 -11.55
CA ARG A 453 -18.07 14.53 -10.92
C ARG A 453 -19.25 14.01 -10.10
N TYR A 454 -19.88 12.92 -10.54
CA TYR A 454 -21.05 12.41 -9.83
C TYR A 454 -20.97 11.00 -9.23
N ILE A 455 -20.55 10.04 -10.04
CA ILE A 455 -20.49 8.65 -9.60
C ILE A 455 -19.50 8.34 -8.48
N THR A 456 -18.22 8.60 -8.72
CA THR A 456 -17.19 8.33 -7.73
C THR A 456 -17.48 8.93 -6.34
N PRO A 457 -17.79 10.23 -6.28
CA PRO A 457 -18.06 10.81 -4.96
C PRO A 457 -19.28 10.21 -4.26
N ALA A 458 -20.33 9.93 -5.03
CA ALA A 458 -21.55 9.35 -4.45
C ALA A 458 -21.24 7.92 -3.95
N PHE A 459 -20.42 7.21 -4.73
CA PHE A 459 -20.02 5.85 -4.41
C PHE A 459 -19.25 5.83 -3.09
N LEU A 460 -18.23 6.68 -2.98
CA LEU A 460 -17.42 6.73 -1.77
C LEU A 460 -18.21 7.23 -0.57
N ALA A 461 -19.09 8.20 -0.80
CA ALA A 461 -19.90 8.75 0.28
C ALA A 461 -20.75 7.66 0.94
N VAL A 462 -21.44 6.88 0.11
CA VAL A 462 -22.29 5.81 0.62
C VAL A 462 -21.46 4.80 1.40
N LEU A 463 -20.31 4.42 0.84
CA LEU A 463 -19.42 3.45 1.45
C LEU A 463 -19.00 3.93 2.84
N LEU A 464 -18.57 5.19 2.93
CA LEU A 464 -18.15 5.76 4.20
C LEU A 464 -19.27 5.78 5.24
N VAL A 465 -20.50 6.05 4.83
CA VAL A 465 -21.59 6.08 5.79
C VAL A 465 -21.88 4.68 6.31
N VAL A 466 -21.93 3.72 5.40
CA VAL A 466 -22.18 2.33 5.78
C VAL A 466 -21.13 1.89 6.77
N TRP A 467 -19.89 2.35 6.55
CA TRP A 467 -18.78 2.02 7.40
C TRP A 467 -18.93 2.57 8.81
N ALA A 468 -19.24 3.85 8.90
CA ALA A 468 -19.41 4.48 10.19
C ALA A 468 -20.63 3.98 10.95
N ARG A 469 -21.64 3.53 10.21
CA ARG A 469 -22.86 3.06 10.84
C ARG A 469 -22.92 1.61 11.29
N GLU A 470 -22.33 0.69 10.53
CA GLU A 470 -22.39 -0.70 10.93
C GLU A 470 -21.06 -1.43 11.12
N TYR A 471 -19.97 -0.68 11.27
CA TYR A 471 -18.65 -1.29 11.45
C TYR A 471 -17.74 -0.55 12.45
N ILE A 472 -17.71 0.78 12.38
CA ILE A 472 -16.88 1.54 13.30
C ILE A 472 -17.31 1.38 14.77
N PRO A 473 -18.63 1.25 15.02
CA PRO A 473 -19.08 1.08 16.40
C PRO A 473 -18.43 -0.11 17.10
N LYS A 474 -18.41 -1.25 16.42
CA LYS A 474 -17.83 -2.48 16.97
C LYS A 474 -16.34 -2.26 17.25
N ILE A 475 -15.67 -1.57 16.33
CA ILE A 475 -14.24 -1.29 16.47
C ILE A 475 -13.98 -0.29 17.60
N MET A 476 -14.96 0.56 17.89
CA MET A 476 -14.84 1.55 18.96
C MET A 476 -15.32 0.99 20.30
N GLU A 477 -16.18 -0.03 20.24
CA GLU A 477 -16.73 -0.61 21.46
C GLU A 477 -16.23 -1.99 21.88
N GLU A 478 -15.82 -2.81 20.91
CA GLU A 478 -15.39 -4.17 21.22
C GLU A 478 -13.88 -4.48 21.21
N THR A 479 -13.02 -3.48 21.13
CA THR A 479 -11.57 -3.75 21.10
C THR A 479 -10.91 -3.64 22.48
N HIS A 480 -9.74 -4.27 22.61
CA HIS A 480 -8.98 -4.23 23.86
C HIS A 480 -8.60 -2.78 24.13
N TRP A 481 -8.49 -2.41 25.40
CA TRP A 481 -8.16 -1.03 25.77
C TRP A 481 -6.84 -0.51 25.17
N THR A 482 -5.89 -1.40 24.92
CA THR A 482 -4.61 -0.98 24.37
C THR A 482 -4.70 -0.29 23.01
N VAL A 483 -5.83 -0.42 22.31
CA VAL A 483 -5.96 0.26 21.01
C VAL A 483 -5.87 1.77 21.21
N TRP A 484 -6.25 2.25 22.40
CA TRP A 484 -6.19 3.68 22.67
C TRP A 484 -4.77 4.21 22.75
N ILE A 485 -3.81 3.34 23.02
CA ILE A 485 -2.42 3.77 23.06
C ILE A 485 -2.02 4.18 21.65
N THR A 486 -2.41 3.36 20.67
CA THR A 486 -2.09 3.64 19.27
C THR A 486 -2.89 4.83 18.75
N ARG A 487 -4.18 4.87 19.09
CA ARG A 487 -5.02 5.99 18.66
C ARG A 487 -4.44 7.29 19.20
N PHE A 488 -4.06 7.29 20.47
CA PHE A 488 -3.48 8.47 21.09
C PHE A 488 -2.22 8.89 20.34
N TYR A 489 -1.34 7.93 20.10
CA TYR A 489 -0.09 8.24 19.42
C TYR A 489 -0.28 8.81 18.02
N ILE A 490 -1.12 8.18 17.20
CA ILE A 490 -1.28 8.68 15.84
C ILE A 490 -2.04 9.99 15.79
N ILE A 491 -2.87 10.25 16.79
CA ILE A 491 -3.58 11.53 16.84
C ILE A 491 -2.48 12.56 17.14
N GLY A 492 -1.55 12.18 18.00
CA GLY A 492 -0.45 13.09 18.34
C GLY A 492 0.36 13.39 17.09
N LEU A 493 0.58 12.37 16.25
CA LEU A 493 1.32 12.58 15.01
C LEU A 493 0.58 13.58 14.12
N PHE A 494 -0.74 13.50 14.09
CA PHE A 494 -1.51 14.44 13.26
C PHE A 494 -1.30 15.85 13.79
N LEU A 495 -1.35 15.99 15.12
CA LEU A 495 -1.16 17.28 15.78
C LEU A 495 0.21 17.88 15.44
N PHE A 496 1.23 17.04 15.51
CA PHE A 496 2.61 17.43 15.21
C PHE A 496 2.76 17.88 13.75
N LEU A 497 2.15 17.13 12.83
CA LEU A 497 2.22 17.47 11.43
C LEU A 497 1.48 18.78 11.15
N THR A 498 0.40 19.03 11.89
CA THR A 498 -0.34 20.27 11.71
C THR A 498 0.56 21.41 12.19
N PHE A 499 1.32 21.16 13.27
CA PHE A 499 2.24 22.18 13.78
C PHE A 499 3.30 22.50 12.74
N LEU A 500 3.78 21.48 12.03
CA LEU A 500 4.78 21.71 11.00
C LEU A 500 4.21 22.52 9.83
N VAL A 501 2.95 22.31 9.50
CA VAL A 501 2.32 23.05 8.41
C VAL A 501 2.18 24.52 8.83
N PHE A 502 1.91 24.73 10.12
CA PHE A 502 1.79 26.06 10.70
C PHE A 502 3.15 26.77 10.59
N LEU A 503 4.22 26.03 10.89
CA LEU A 503 5.56 26.61 10.80
C LEU A 503 5.93 26.92 9.35
N ALA A 504 5.45 26.11 8.42
CA ALA A 504 5.71 26.34 7.00
C ALA A 504 5.03 27.65 6.60
N GLU A 505 3.81 27.86 7.10
CA GLU A 505 3.04 29.07 6.83
C GLU A 505 3.81 30.29 7.30
N ARG A 506 4.30 30.23 8.54
CA ARG A 506 5.03 31.33 9.12
C ARG A 506 6.35 31.59 8.42
N ARG A 507 6.99 30.53 7.92
CA ARG A 507 8.24 30.70 7.19
C ARG A 507 7.89 31.41 5.90
N ARG A 508 6.75 31.03 5.32
CA ARG A 508 6.28 31.62 4.06
C ARG A 508 5.99 33.11 4.25
N ASN A 509 5.30 33.42 5.34
CA ASN A 509 4.97 34.81 5.66
C ASN A 509 6.24 35.63 5.84
N HIS A 510 7.20 35.11 6.58
CA HIS A 510 8.43 35.83 6.84
C HIS A 510 9.33 36.00 5.62
N GLU A 511 9.27 35.07 4.66
CA GLU A 511 10.13 35.26 3.49
C GLU A 511 9.46 36.19 2.50
N SER A 512 8.13 36.29 2.54
CA SER A 512 7.41 37.20 1.64
C SER A 512 7.65 38.64 2.12
N ALA A 513 7.79 38.82 3.43
CA ALA A 513 8.04 40.13 4.01
C ALA A 513 9.54 40.40 3.98
N GLY A 514 10.22 39.60 3.17
CA GLY A 514 11.66 39.71 3.00
C GLY A 514 11.85 39.70 1.51
N THR A 515 10.74 39.51 0.81
CA THR A 515 10.72 39.48 -0.65
C THR A 515 10.20 40.85 -1.08
N LEU A 516 10.05 41.73 -0.08
CA LEU A 516 9.59 43.10 -0.30
C LEU A 516 10.48 44.09 0.46
#